data_3N3E
#
_entry.id   3N3E
#
_cell.length_a   33.297
_cell.length_b   33.297
_cell.length_c   354.337
_cell.angle_alpha   90.000
_cell.angle_beta   90.000
_cell.angle_gamma   90.000
#
_symmetry.space_group_name_H-M   'P 43 21 2'
#
loop_
_entity.id
_entity.type
_entity.pdbx_description
1 polymer 'Alpha A crystallin'
2 water water
#
_entity_poly.entity_id   1
_entity_poly.type   'polypeptide(L)'
_entity_poly.pdbx_seq_one_letter_code
;GVSEVRSDREKFTVYLDVKHFSPDELSVKVTDDYVEIQGKHGERQDDHGYISREFHRRYRLPSNVDQSAITCTLSADGLL
TLCGPKTSGIDAGRGDRTIPVTREDK
;
_entity_poly.pdbx_strand_id   A,B
#
# COMPACT_ATOMS: atom_id res chain seq x y z
N GLY A 1 -7.43 11.55 5.87
CA GLY A 1 -7.16 10.30 5.18
C GLY A 1 -6.46 9.27 6.05
N VAL A 2 -5.35 8.71 5.55
CA VAL A 2 -4.58 7.74 6.32
C VAL A 2 -3.59 8.39 7.33
N SER A 3 -3.22 9.64 7.11
CA SER A 3 -2.06 10.23 7.80
C SER A 3 -2.37 11.62 8.36
N GLU A 4 -2.19 11.80 9.67
CA GLU A 4 -2.42 13.11 10.28
C GLU A 4 -1.28 13.48 11.22
N VAL A 5 -0.91 14.76 11.23
CA VAL A 5 0.12 15.20 12.18
C VAL A 5 -0.50 16.23 13.12
N ARG A 6 -0.20 16.11 14.40
CA ARG A 6 -0.68 17.08 15.40
C ARG A 6 0.48 17.67 16.20
N SER A 7 0.30 18.87 16.72
CA SER A 7 1.41 19.51 17.40
C SER A 7 0.84 20.41 18.48
N ASP A 8 1.28 20.23 19.72
CA ASP A 8 0.94 21.19 20.77
C ASP A 8 2.21 21.49 21.56
N ARG A 9 2.10 22.27 22.63
CA ARG A 9 3.31 22.71 23.34
C ARG A 9 4.06 21.55 23.99
N GLU A 10 3.37 20.44 24.25
CA GLU A 10 3.99 19.27 24.87
C GLU A 10 4.56 18.25 23.89
N LYS A 11 3.90 18.02 22.76
CA LYS A 11 4.38 16.96 21.86
C LYS A 11 3.95 17.07 20.39
N PHE A 12 4.64 16.27 19.57
CA PHE A 12 4.39 16.17 18.15
C PHE A 12 3.87 14.75 17.96
N THR A 13 2.75 14.60 17.29
CA THR A 13 2.10 13.29 17.16
C THR A 13 1.79 12.98 15.71
N VAL A 14 2.06 11.75 15.29
CA VAL A 14 1.67 11.30 13.97
C VAL A 14 0.69 10.17 14.14
N TYR A 15 -0.43 10.23 13.43
CA TYR A 15 -1.39 9.13 13.42
C TYR A 15 -1.44 8.55 12.03
N LEU A 16 -1.13 7.26 11.88
CA LEU A 16 -1.10 6.64 10.56
C LEU A 16 -1.86 5.32 10.59
N ASP A 17 -2.83 5.20 9.70
CA ASP A 17 -3.62 3.98 9.61
C ASP A 17 -2.82 2.94 8.82
N VAL A 18 -2.44 1.85 9.48
CA VAL A 18 -1.72 0.76 8.81
C VAL A 18 -2.47 -0.56 9.02
N LYS A 19 -3.76 -0.56 8.72
CA LYS A 19 -4.63 -1.72 9.00
C LYS A 19 -4.09 -3.05 8.48
N HIS A 20 -4.13 -4.07 9.33
CA HIS A 20 -3.67 -5.42 8.98
C HIS A 20 -2.14 -5.61 9.02
N PHE A 21 -1.36 -4.54 9.13
CA PHE A 21 0.10 -4.70 9.29
C PHE A 21 0.41 -5.12 10.73
N SER A 22 1.30 -6.07 10.91
CA SER A 22 1.70 -6.51 12.23
C SER A 22 2.91 -5.72 12.69
N PRO A 23 3.18 -5.70 14.01
CA PRO A 23 4.40 -5.02 14.45
C PRO A 23 5.64 -5.54 13.72
N ASP A 24 5.72 -6.85 13.48
CA ASP A 24 6.91 -7.41 12.83
C ASP A 24 7.06 -6.96 11.38
N GLU A 25 5.97 -6.49 10.81
CA GLU A 25 5.94 -6.03 9.41
C GLU A 25 6.21 -4.55 9.26
N LEU A 26 6.43 -3.87 10.39
CA LEU A 26 6.70 -2.44 10.39
C LEU A 26 8.09 -2.16 10.95
N SER A 27 8.78 -1.23 10.30
CA SER A 27 10.09 -0.76 10.76
C SER A 27 9.99 0.73 10.96
N VAL A 28 10.32 1.21 12.17
CA VAL A 28 10.27 2.64 12.43
C VAL A 28 11.65 3.09 12.91
N LYS A 29 12.20 4.10 12.25
CA LYS A 29 13.51 4.61 12.63
C LYS A 29 13.54 6.12 12.59
N VAL A 30 14.41 6.70 13.40
CA VAL A 30 14.76 8.09 13.21
C VAL A 30 16.01 8.13 12.34
N THR A 31 15.91 8.77 11.19
CA THR A 31 17.05 8.95 10.30
C THR A 31 17.11 10.39 9.80
N ASP A 32 18.18 11.08 10.15
CA ASP A 32 18.43 12.42 9.63
C ASP A 32 17.26 13.37 9.87
N ASP A 33 16.76 13.41 11.11
CA ASP A 33 15.70 14.35 11.50
C ASP A 33 14.37 14.05 10.83
N TYR A 34 14.22 12.83 10.35
CA TYR A 34 12.94 12.32 9.89
C TYR A 34 12.61 11.08 10.71
N VAL A 35 11.32 10.81 10.89
CA VAL A 35 10.92 9.47 11.30
C VAL A 35 10.53 8.73 10.05
N GLU A 36 11.16 7.57 9.85
CA GLU A 36 10.93 6.74 8.68
C GLU A 36 10.09 5.54 9.08
N ILE A 37 9.00 5.31 8.37
CA ILE A 37 8.16 4.14 8.63
C ILE A 37 8.10 3.31 7.37
N GLN A 38 8.46 2.04 7.47
CA GLN A 38 8.42 1.17 6.31
C GLN A 38 7.59 -0.04 6.67
N GLY A 39 6.77 -0.49 5.72
CA GLY A 39 5.87 -1.59 6.01
C GLY A 39 5.75 -2.47 4.80
N LYS A 40 5.67 -3.78 5.02
CA LYS A 40 5.27 -4.69 3.97
C LYS A 40 4.39 -5.78 4.56
N HIS A 41 3.20 -5.94 4.01
CA HIS A 41 2.24 -6.92 4.50
C HIS A 41 1.65 -7.70 3.35
N GLY A 42 1.67 -9.02 3.46
CA GLY A 42 1.03 -9.85 2.47
C GLY A 42 -0.11 -10.64 3.09
N GLU A 43 -1.14 -10.93 2.30
CA GLU A 43 -2.19 -11.84 2.79
C GLU A 43 -2.97 -12.55 1.68
N ARG A 44 -3.43 -13.75 2.01
CA ARG A 44 -4.29 -14.49 1.09
C ARG A 44 -5.59 -13.76 0.80
N GLN A 45 -6.10 -14.00 -0.40
CA GLN A 45 -7.42 -13.54 -0.78
C GLN A 45 -8.26 -14.73 -1.26
N ASP A 46 -9.54 -14.46 -1.50
CA ASP A 46 -10.48 -15.50 -1.94
C ASP A 46 -9.99 -16.19 -3.21
N ASP A 47 -10.35 -17.47 -3.36
CA ASP A 47 -10.09 -18.19 -4.62
C ASP A 47 -8.63 -18.08 -5.08
N HIS A 48 -7.72 -18.44 -4.19
CA HIS A 48 -6.28 -18.52 -4.52
C HIS A 48 -5.59 -17.21 -4.83
N GLY A 49 -6.25 -16.09 -4.50
CA GLY A 49 -5.66 -14.79 -4.74
C GLY A 49 -4.68 -14.39 -3.66
N TYR A 50 -4.01 -13.28 -3.87
CA TYR A 50 -3.03 -12.79 -2.90
C TYR A 50 -2.89 -11.30 -3.09
N ILE A 51 -2.68 -10.57 -2.01
CA ILE A 51 -2.36 -9.16 -2.11
C ILE A 51 -1.16 -8.85 -1.24
N SER A 52 -0.22 -8.08 -1.77
CA SER A 52 0.93 -7.61 -1.00
C SER A 52 0.88 -6.09 -1.09
N ARG A 53 1.16 -5.40 0.02
CA ARG A 53 1.22 -3.94 0.03
C ARG A 53 2.50 -3.53 0.74
N GLU A 54 3.21 -2.57 0.16
CA GLU A 54 4.43 -2.07 0.77
C GLU A 54 4.39 -0.55 0.74
N PHE A 55 4.99 0.07 1.73
CA PHE A 55 5.11 1.53 1.69
C PHE A 55 6.35 1.99 2.46
N HIS A 56 6.80 3.19 2.11
CA HIS A 56 7.87 3.85 2.84
CA HIS A 56 7.86 3.84 2.87
C HIS A 56 7.47 5.30 3.05
N ARG A 57 7.30 5.69 4.31
CA ARG A 57 6.91 7.05 4.68
CA ARG A 57 6.93 7.05 4.65
C ARG A 57 8.02 7.72 5.47
N ARG A 58 8.23 9.01 5.23
CA ARG A 58 9.16 9.77 6.04
C ARG A 58 8.40 10.99 6.52
N TYR A 59 8.49 11.26 7.82
CA TYR A 59 7.87 12.46 8.39
C TYR A 59 8.95 13.38 8.90
N ARG A 60 8.90 14.63 8.46
CA ARG A 60 9.86 15.63 8.89
C ARG A 60 9.63 15.94 10.37
N LEU A 61 10.70 15.95 11.17
CA LEU A 61 10.58 16.23 12.60
C LEU A 61 10.96 17.67 12.93
N PRO A 62 10.16 18.34 13.77
CA PRO A 62 10.57 19.67 14.23
C PRO A 62 11.82 19.55 15.08
N SER A 63 12.68 20.57 15.08
CA SER A 63 13.96 20.45 15.76
C SER A 63 13.82 20.27 17.27
N ASN A 64 12.69 20.68 17.83
CA ASN A 64 12.50 20.60 19.28
C ASN A 64 11.83 19.32 19.79
N VAL A 65 11.60 18.35 18.90
CA VAL A 65 11.21 17.01 19.34
C VAL A 65 12.45 16.24 19.81
N ASP A 66 12.35 15.59 20.96
CA ASP A 66 13.42 14.81 21.52
C ASP A 66 13.40 13.44 20.86
N GLN A 67 14.32 13.24 19.91
CA GLN A 67 14.30 12.04 19.09
C GLN A 67 14.47 10.78 19.94
N SER A 68 15.25 10.89 21.01
CA SER A 68 15.53 9.73 21.86
C SER A 68 14.31 9.29 22.66
N ALA A 69 13.31 10.16 22.76
CA ALA A 69 12.11 9.88 23.53
C ALA A 69 10.89 9.54 22.66
N ILE A 70 11.07 9.52 21.34
CA ILE A 70 9.96 9.18 20.48
C ILE A 70 9.51 7.75 20.74
N THR A 71 8.20 7.56 20.87
CA THR A 71 7.64 6.22 21.01
C THR A 71 6.70 5.91 19.85
N CYS A 72 6.46 4.63 19.65
CA CYS A 72 5.58 4.17 18.57
C CYS A 72 4.70 3.07 19.12
N THR A 73 3.39 3.26 19.02
CA THR A 73 2.44 2.25 19.49
CA THR A 73 2.47 2.22 19.46
C THR A 73 1.48 1.89 18.36
N LEU A 74 1.03 0.63 18.35
CA LEU A 74 0.13 0.15 17.33
C LEU A 74 -1.09 -0.42 18.02
N SER A 75 -2.28 -0.01 17.60
CA SER A 75 -3.49 -0.51 18.23
C SER A 75 -4.00 -1.74 17.50
N ALA A 76 -4.97 -2.40 18.11
CA ALA A 76 -5.58 -3.60 17.51
C ALA A 76 -6.24 -3.24 16.17
N ASP A 77 -6.75 -2.02 16.07
CA ASP A 77 -7.46 -1.58 14.89
C ASP A 77 -6.54 -1.05 13.79
N GLY A 78 -5.23 -1.13 14.02
CA GLY A 78 -4.25 -0.77 13.01
C GLY A 78 -3.85 0.69 13.00
N LEU A 79 -4.13 1.42 14.08
CA LEU A 79 -3.65 2.80 14.17
C LEU A 79 -2.24 2.82 14.74
N LEU A 80 -1.31 3.37 13.96
CA LEU A 80 0.04 3.60 14.46
C LEU A 80 0.13 5.03 14.98
N THR A 81 0.59 5.16 16.22
CA THR A 81 0.76 6.48 16.84
C THR A 81 2.24 6.71 17.15
N LEU A 82 2.81 7.76 16.59
CA LEU A 82 4.17 8.15 16.91
C LEU A 82 4.06 9.35 17.81
N CYS A 83 4.72 9.28 18.96
CA CYS A 83 4.71 10.37 19.91
CA CYS A 83 4.72 10.36 19.93
C CYS A 83 6.11 10.94 20.11
N GLY A 84 6.23 12.24 19.90
CA GLY A 84 7.51 12.92 20.03
C GLY A 84 7.42 14.03 21.05
N PRO A 85 7.91 13.76 22.27
CA PRO A 85 7.98 14.74 23.35
C PRO A 85 8.82 15.93 22.90
N LYS A 86 8.36 17.13 23.21
CA LYS A 86 9.15 18.31 22.90
C LYS A 86 9.99 18.69 24.10
N THR A 87 11.15 19.28 23.83
CA THR A 87 12.00 19.75 24.93
C THR A 87 12.55 21.15 24.68
N SER A 88 12.95 21.80 25.75
CA SER A 88 13.68 23.06 25.67
C SER A 88 14.98 22.88 26.44
N GLY A 89 15.93 23.80 26.22
CA GLY A 89 17.20 23.73 26.89
C GLY A 89 18.27 23.12 26.03
N ILE A 90 19.27 22.53 26.68
CA ILE A 90 20.47 22.06 26.01
C ILE A 90 20.36 20.63 25.49
N ASP A 91 19.82 19.73 26.31
CA ASP A 91 19.71 18.32 25.94
C ASP A 91 18.64 18.14 24.85
N ALA A 92 19.09 17.81 23.64
CA ALA A 92 18.16 17.67 22.51
C ALA A 92 17.81 16.21 22.22
N GLY A 93 18.68 15.29 22.62
CA GLY A 93 18.39 13.88 22.43
C GLY A 93 18.33 13.49 20.97
N ARG A 94 19.02 14.27 20.14
CA ARG A 94 19.04 14.06 18.70
C ARG A 94 19.94 12.90 18.33
N GLY A 95 19.49 12.09 17.38
CA GLY A 95 20.29 10.97 16.92
C GLY A 95 19.47 9.89 16.25
N ASP A 96 20.03 9.30 15.21
CA ASP A 96 19.41 8.17 14.53
C ASP A 96 19.27 7.00 15.51
N ARG A 97 18.14 6.33 15.44
CA ARG A 97 17.86 5.19 16.31
C ARG A 97 16.72 4.39 15.71
N THR A 98 16.58 3.15 16.15
CA THR A 98 15.45 2.32 15.78
C THR A 98 14.40 2.43 16.88
N ILE A 99 13.18 2.73 16.49
CA ILE A 99 12.09 2.87 17.46
C ILE A 99 11.28 1.56 17.52
N PRO A 100 11.22 0.95 18.71
CA PRO A 100 10.42 -0.27 18.83
C PRO A 100 8.96 -0.01 18.46
N VAL A 101 8.35 -0.91 17.68
CA VAL A 101 6.92 -0.81 17.40
C VAL A 101 6.17 -1.67 18.42
N THR A 102 5.54 -1.01 19.39
CA THR A 102 4.88 -1.72 20.48
C THR A 102 3.36 -1.84 20.27
N ARG A 103 2.86 -3.06 20.15
CA ARG A 103 1.42 -3.29 20.09
CA ARG A 103 1.43 -3.27 20.09
C ARG A 103 0.84 -2.99 21.47
N GLU A 104 -0.17 -2.15 21.54
CA GLU A 104 -0.99 -2.01 22.73
C GLU A 104 -2.00 -3.14 22.86
N ASP A 105 -2.30 -3.55 24.08
CA ASP A 105 -3.21 -4.65 24.29
C ASP A 105 -4.67 -4.23 24.21
N LYS A 106 -4.95 -3.32 23.31
CA LYS A 106 -6.32 -2.88 23.06
C LYS A 106 -6.45 -2.37 21.61
N VAL B 2 -11.40 -2.72 -1.45
CA VAL B 2 -10.94 -2.03 -2.65
C VAL B 2 -11.13 -2.90 -3.91
N SER B 3 -11.34 -4.20 -3.71
CA SER B 3 -11.44 -5.13 -4.83
C SER B 3 -12.80 -5.84 -4.89
N GLU B 4 -13.22 -6.17 -6.10
CA GLU B 4 -14.43 -6.96 -6.31
C GLU B 4 -14.26 -7.80 -7.57
N VAL B 5 -14.55 -9.09 -7.45
CA VAL B 5 -14.47 -9.99 -8.58
C VAL B 5 -15.86 -10.50 -8.93
N ARG B 6 -16.23 -10.43 -10.21
CA ARG B 6 -17.50 -10.96 -10.69
C ARG B 6 -17.22 -12.03 -11.73
N SER B 7 -18.02 -13.08 -11.73
CA SER B 7 -17.79 -14.16 -12.69
C SER B 7 -19.11 -14.80 -13.08
N ASP B 8 -19.56 -14.52 -14.30
CA ASP B 8 -20.80 -15.09 -14.80
C ASP B 8 -20.55 -15.91 -16.05
N ARG B 9 -21.61 -16.37 -16.70
CA ARG B 9 -21.46 -17.30 -17.81
C ARG B 9 -20.74 -16.68 -19.03
N GLU B 10 -20.77 -15.36 -19.13
CA GLU B 10 -20.19 -14.70 -20.29
C GLU B 10 -18.80 -14.14 -20.02
N LYS B 11 -18.54 -13.71 -18.78
CA LYS B 11 -17.30 -12.96 -18.53
C LYS B 11 -16.76 -13.03 -17.11
N PHE B 12 -15.47 -12.70 -16.99
CA PHE B 12 -14.82 -12.56 -15.71
C PHE B 12 -14.43 -11.10 -15.58
N THR B 13 -14.77 -10.48 -14.45
CA THR B 13 -14.54 -9.05 -14.26
C THR B 13 -13.92 -8.77 -12.90
N VAL B 14 -12.91 -7.91 -12.90
CA VAL B 14 -12.27 -7.46 -11.67
C VAL B 14 -12.37 -5.94 -11.61
N TYR B 15 -12.85 -5.44 -10.49
CA TYR B 15 -12.81 -4.02 -10.21
C TYR B 15 -11.83 -3.81 -9.07
N LEU B 16 -10.89 -2.90 -9.28
CA LEU B 16 -9.84 -2.66 -8.28
C LEU B 16 -9.53 -1.17 -8.17
N ASP B 17 -9.65 -0.62 -6.96
CA ASP B 17 -9.29 0.77 -6.72
C ASP B 17 -7.77 0.91 -6.69
N VAL B 18 -7.23 1.70 -7.60
CA VAL B 18 -5.79 1.95 -7.67
C VAL B 18 -5.48 3.45 -7.72
N LYS B 19 -6.25 4.25 -6.98
CA LYS B 19 -6.24 5.72 -7.11
C LYS B 19 -4.89 6.40 -6.95
N HIS B 20 -4.00 5.80 -6.16
CA HIS B 20 -2.68 6.41 -5.89
C HIS B 20 -1.73 6.27 -7.08
N PHE B 21 -2.10 5.46 -8.06
CA PHE B 21 -1.17 5.13 -9.13
C PHE B 21 -1.57 5.70 -10.48
N SER B 22 -0.63 6.39 -11.12
CA SER B 22 -0.84 6.87 -12.47
C SER B 22 -0.81 5.67 -13.41
N PRO B 23 -1.44 5.79 -14.58
CA PRO B 23 -1.49 4.65 -15.48
C PRO B 23 -0.11 4.03 -15.78
N ASP B 24 0.92 4.87 -15.86
CA ASP B 24 2.27 4.41 -16.20
C ASP B 24 2.95 3.66 -15.04
N GLU B 25 2.34 3.74 -13.86
CA GLU B 25 2.88 3.13 -12.65
C GLU B 25 2.23 1.77 -12.39
N LEU B 26 1.34 1.38 -13.30
CA LEU B 26 0.61 0.11 -13.19
C LEU B 26 1.03 -0.85 -14.29
N SER B 27 1.11 -2.12 -13.92
CA SER B 27 1.42 -3.20 -14.84
C SER B 27 0.43 -4.33 -14.60
N VAL B 28 -0.13 -4.88 -15.69
CA VAL B 28 -1.05 -5.99 -15.59
C VAL B 28 -0.55 -7.06 -16.56
N LYS B 29 -0.40 -8.27 -16.05
CA LYS B 29 0.14 -9.37 -16.84
C LYS B 29 -0.69 -10.62 -16.58
N VAL B 30 -0.70 -11.52 -17.55
CA VAL B 30 -1.22 -12.86 -17.34
C VAL B 30 0.02 -13.73 -17.24
N THR B 31 0.16 -14.44 -16.13
CA THR B 31 1.30 -15.29 -15.86
C THR B 31 0.81 -16.60 -15.27
N ASP B 32 1.05 -17.69 -15.99
CA ASP B 32 0.67 -19.04 -15.56
C ASP B 32 -0.77 -19.10 -15.04
N ASP B 33 -1.69 -18.60 -15.87
CA ASP B 33 -3.13 -18.66 -15.62
C ASP B 33 -3.61 -17.80 -14.44
N TYR B 34 -2.77 -16.88 -13.98
CA TYR B 34 -3.22 -15.86 -13.06
C TYR B 34 -3.04 -14.49 -13.69
N VAL B 35 -3.83 -13.54 -13.22
CA VAL B 35 -3.59 -12.15 -13.56
C VAL B 35 -2.82 -11.54 -12.41
N GLU B 36 -1.77 -10.83 -12.76
CA GLU B 36 -0.97 -10.15 -11.75
C GLU B 36 -1.04 -8.65 -12.01
N ILE B 37 -1.45 -7.90 -11.00
CA ILE B 37 -1.50 -6.45 -11.12
C ILE B 37 -0.50 -5.87 -10.16
N GLN B 38 0.39 -5.02 -10.65
CA GLN B 38 1.39 -4.37 -9.81
C GLN B 38 1.24 -2.87 -9.90
N GLY B 39 1.35 -2.19 -8.77
CA GLY B 39 1.40 -0.73 -8.78
C GLY B 39 2.68 -0.37 -8.06
N LYS B 40 3.43 0.57 -8.61
CA LYS B 40 4.63 1.02 -7.93
C LYS B 40 4.93 2.47 -8.27
N HIS B 41 5.14 3.28 -7.23
CA HIS B 41 5.64 4.63 -7.45
C HIS B 41 6.80 4.98 -6.54
N GLY B 42 7.69 5.83 -7.03
CA GLY B 42 8.83 6.29 -6.26
C GLY B 42 8.43 7.32 -5.23
N GLU B 43 9.42 7.91 -4.56
CA GLU B 43 9.16 8.86 -3.49
C GLU B 43 8.46 10.12 -3.97
N ARG B 44 7.28 10.38 -3.43
CA ARG B 44 6.59 11.62 -3.70
C ARG B 44 6.63 12.46 -2.45
N GLN B 45 6.49 13.75 -2.65
CA GLN B 45 6.38 14.67 -1.55
C GLN B 45 4.92 14.75 -1.10
N ASP B 46 4.69 14.75 0.21
CA ASP B 46 3.35 15.10 0.67
C ASP B 46 3.49 16.21 1.71
N ASP B 47 2.41 16.55 2.39
CA ASP B 47 2.48 17.74 3.24
C ASP B 47 3.44 17.59 4.43
N HIS B 48 3.76 16.36 4.80
CA HIS B 48 4.47 16.13 6.03
C HIS B 48 5.85 15.51 5.83
N GLY B 49 6.18 15.23 4.59
CA GLY B 49 7.41 14.51 4.29
C GLY B 49 7.33 13.85 2.92
N TYR B 50 7.55 12.53 2.89
CA TYR B 50 7.58 11.78 1.64
C TYR B 50 6.87 10.45 1.75
N ILE B 51 6.49 9.89 0.60
CA ILE B 51 5.80 8.60 0.59
CA ILE B 51 5.79 8.60 0.57
C ILE B 51 6.05 7.86 -0.73
N SER B 52 6.33 6.58 -0.62
CA SER B 52 6.40 5.70 -1.79
C SER B 52 5.53 4.49 -1.50
N ARG B 53 5.03 3.84 -2.55
CA ARG B 53 4.11 2.73 -2.37
C ARG B 53 4.35 1.68 -3.44
N GLU B 54 4.00 0.44 -3.11
CA GLU B 54 4.04 -0.62 -4.09
C GLU B 54 3.00 -1.66 -3.69
N PHE B 55 2.26 -2.21 -4.64
CA PHE B 55 1.41 -3.36 -4.32
C PHE B 55 1.49 -4.41 -5.40
N HIS B 56 1.14 -5.65 -5.04
CA HIS B 56 1.08 -6.77 -5.99
C HIS B 56 -0.16 -7.58 -5.67
N ARG B 57 -1.10 -7.62 -6.61
CA ARG B 57 -2.37 -8.31 -6.43
CA ARG B 57 -2.33 -8.36 -6.41
C ARG B 57 -2.47 -9.44 -7.48
N ARG B 58 -2.75 -10.67 -7.04
CA ARG B 58 -2.95 -11.81 -7.95
C ARG B 58 -4.38 -12.34 -7.92
N TYR B 59 -4.89 -12.69 -9.08
CA TYR B 59 -6.21 -13.32 -9.19
C TYR B 59 -6.10 -14.58 -10.03
N ARG B 60 -6.68 -15.67 -9.55
CA ARG B 60 -6.69 -16.88 -10.37
C ARG B 60 -7.75 -16.80 -11.44
N LEU B 61 -7.38 -17.05 -12.70
CA LEU B 61 -8.36 -17.00 -13.79
C LEU B 61 -9.13 -18.32 -13.91
N PRO B 62 -10.46 -18.23 -14.12
CA PRO B 62 -11.24 -19.42 -14.47
C PRO B 62 -10.63 -20.04 -15.70
N SER B 63 -10.67 -21.37 -15.81
CA SER B 63 -10.00 -22.04 -16.91
C SER B 63 -10.58 -21.65 -18.26
N ASN B 64 -11.82 -21.17 -18.28
CA ASN B 64 -12.47 -20.85 -19.55
C ASN B 64 -12.40 -19.38 -19.96
N VAL B 65 -11.66 -18.57 -19.21
CA VAL B 65 -11.45 -17.20 -19.68
C VAL B 65 -10.44 -17.23 -20.81
N ASP B 66 -10.78 -16.54 -21.90
CA ASP B 66 -9.86 -16.38 -23.03
C ASP B 66 -8.78 -15.37 -22.66
N GLN B 67 -7.60 -15.87 -22.31
CA GLN B 67 -6.56 -14.96 -21.84
C GLN B 67 -6.18 -13.88 -22.85
N SER B 68 -6.16 -14.25 -24.14
CA SER B 68 -5.74 -13.32 -25.20
C SER B 68 -6.70 -12.14 -25.36
N ALA B 69 -7.91 -12.29 -24.83
CA ALA B 69 -8.98 -11.31 -25.02
C ALA B 69 -9.21 -10.42 -23.80
N ILE B 70 -8.49 -10.67 -22.72
CA ILE B 70 -8.62 -9.84 -21.52
C ILE B 70 -8.22 -8.41 -21.86
N THR B 71 -9.03 -7.45 -21.40
CA THR B 71 -8.74 -6.03 -21.55
C THR B 71 -8.68 -5.38 -20.17
N CYS B 72 -8.06 -4.20 -20.08
CA CYS B 72 -7.95 -3.48 -18.82
CA CYS B 72 -7.92 -3.48 -18.82
C CYS B 72 -8.07 -1.99 -19.06
N THR B 73 -9.00 -1.34 -18.35
CA THR B 73 -9.17 0.10 -18.49
C THR B 73 -9.07 0.75 -17.12
N LEU B 74 -8.75 2.03 -17.11
CA LEU B 74 -8.56 2.77 -15.87
C LEU B 74 -9.33 4.07 -15.95
N SER B 75 -10.24 4.29 -15.00
CA SER B 75 -11.06 5.50 -14.98
C SER B 75 -10.26 6.69 -14.46
N ALA B 76 -10.76 7.89 -14.73
CA ALA B 76 -10.12 9.11 -14.22
C ALA B 76 -10.05 9.11 -12.69
N ASP B 77 -11.02 8.46 -12.04
CA ASP B 77 -11.08 8.39 -10.59
C ASP B 77 -10.20 7.28 -9.99
N GLY B 78 -9.56 6.50 -10.85
CA GLY B 78 -8.59 5.53 -10.39
C GLY B 78 -9.13 4.12 -10.21
N LEU B 79 -10.26 3.82 -10.86
CA LEU B 79 -10.81 2.48 -10.79
C LEU B 79 -10.31 1.67 -11.98
N LEU B 80 -9.68 0.53 -11.68
CA LEU B 80 -9.22 -0.37 -12.72
C LEU B 80 -10.31 -1.42 -12.99
N THR B 81 -10.61 -1.64 -14.26
CA THR B 81 -11.57 -2.66 -14.66
C THR B 81 -10.90 -3.65 -15.60
N LEU B 82 -10.83 -4.91 -15.16
CA LEU B 82 -10.28 -5.96 -16.00
C LEU B 82 -11.44 -6.85 -16.46
N CYS B 83 -11.50 -7.14 -17.76
CA CYS B 83 -12.61 -7.89 -18.35
CA CYS B 83 -12.60 -7.97 -18.26
C CYS B 83 -12.08 -9.03 -19.21
N GLY B 84 -12.60 -10.23 -19.01
CA GLY B 84 -12.21 -11.34 -19.87
C GLY B 84 -13.41 -12.17 -20.25
N PRO B 85 -13.64 -12.35 -21.55
CA PRO B 85 -14.77 -13.19 -21.99
C PRO B 85 -14.48 -14.66 -21.74
N LYS B 86 -15.52 -15.45 -21.53
CA LYS B 86 -15.34 -16.89 -21.37
C LYS B 86 -15.69 -17.59 -22.67
N THR B 87 -14.98 -18.68 -22.96
CA THR B 87 -15.17 -19.41 -24.21
C THR B 87 -15.06 -20.89 -23.90
N SER B 88 -15.66 -21.74 -24.74
CA SER B 88 -15.76 -23.18 -24.41
C SER B 88 -14.56 -24.02 -24.84
N GLY B 89 -13.76 -23.51 -25.78
CA GLY B 89 -12.71 -24.30 -26.39
C GLY B 89 -11.51 -24.55 -25.47
N ILE B 90 -11.00 -25.79 -25.51
CA ILE B 90 -9.85 -26.17 -24.69
C ILE B 90 -8.61 -25.33 -24.98
N ASP B 91 -8.12 -24.65 -23.95
CA ASP B 91 -6.92 -23.83 -24.06
C ASP B 91 -7.07 -22.69 -25.07
N ALA B 92 -8.32 -22.32 -25.38
CA ALA B 92 -8.56 -21.21 -26.30
C ALA B 92 -7.99 -19.88 -25.78
N GLY B 93 -7.11 -19.28 -26.56
CA GLY B 93 -6.53 -17.99 -26.25
C GLY B 93 -5.52 -18.00 -25.13
N ARG B 94 -5.04 -19.19 -24.74
CA ARG B 94 -4.12 -19.30 -23.60
C ARG B 94 -2.73 -18.80 -23.94
N GLY B 95 -2.08 -18.14 -22.98
CA GLY B 95 -0.71 -17.69 -23.15
C GLY B 95 -0.41 -16.48 -22.27
N ASP B 96 0.79 -16.42 -21.72
CA ASP B 96 1.22 -15.26 -20.95
C ASP B 96 1.22 -14.04 -21.85
N ARG B 97 0.91 -12.89 -21.27
CA ARG B 97 0.89 -11.67 -22.04
C ARG B 97 0.93 -10.50 -21.09
N THR B 98 1.23 -9.32 -21.64
CA THR B 98 1.18 -8.08 -20.89
C THR B 98 -0.04 -7.34 -21.37
N ILE B 99 -0.89 -6.93 -20.44
CA ILE B 99 -2.13 -6.27 -20.83
C ILE B 99 -2.02 -4.76 -20.60
N PRO B 100 -2.05 -3.99 -21.69
CA PRO B 100 -1.95 -2.53 -21.56
C PRO B 100 -3.10 -1.96 -20.74
N VAL B 101 -2.79 -1.03 -19.85
CA VAL B 101 -3.82 -0.35 -19.07
C VAL B 101 -4.26 0.84 -19.89
N THR B 102 -5.50 0.80 -20.37
CA THR B 102 -6.01 1.85 -21.23
C THR B 102 -6.78 2.93 -20.46
N ARG B 103 -6.48 4.19 -20.74
CA ARG B 103 -7.20 5.29 -20.11
C ARG B 103 -8.63 5.39 -20.66
N GLU B 104 -9.60 5.55 -19.77
CA GLU B 104 -11.01 5.62 -20.18
C GLU B 104 -11.39 7.03 -20.66
N ASP B 105 -10.84 8.04 -19.98
CA ASP B 105 -11.14 9.44 -20.28
C ASP B 105 -12.51 9.86 -19.76
#